data_2YDY
#
_entry.id   2YDY
#
_cell.length_a   40.980
_cell.length_b   111.770
_cell.length_c   123.120
_cell.angle_alpha   90.00
_cell.angle_beta   90.00
_cell.angle_gamma   90.00
#
_symmetry.space_group_name_H-M   'C 2 2 21'
#
loop_
_entity.id
_entity.type
_entity.pdbx_description
1 polymer 'METHIONINE ADENOSYLTRANSFERASE 2 SUBUNIT BETA'
2 non-polymer 'SULFATE ION'
3 non-polymer 'CHLORIDE ION'
4 water water
#
_entity_poly.entity_id   1
_entity_poly.type   'polypeptide(L)'
_entity_poly.pdbx_seq_one_letter_code
;(MSE)NRRVLVTGATGLLGRAVHKEFQQNNWHAVGCGFRRARPKFEQVNLLDSNAVHHIIHDFQPHVIVHCAAERRPDVV
ENQPDAASQLNVDASGNLAKEAAAVGAFLIYISSDYVFDGTNPPYREEDIPAPLNLYGKTKLDGEKAVLENNLGAAVLRI
PILYGEVEKLEESAVTV(MSE)FDKVQFSNKSAN(MSE)DHWQQRFPTHVKDVATVCRQLAEKR(MSE)LDPSIKGTFHW
SGNEQ(MSE)TKYE(MSE)ACAIADAFNLPSSHLRPITDSPVLGAQRPRNAQLDCSKLETLGIGQRTPFRIGIKESLWPF
LIDKRWRQTVFHAENLYFQ
;
_entity_poly.pdbx_strand_id   A
#
# COMPACT_ATOMS: atom_id res chain seq x y z
N ASN A 2 -4.94 8.05 26.12
CA ASN A 2 -5.24 6.63 25.92
C ASN A 2 -5.91 6.43 24.54
N ARG A 3 -5.09 6.50 23.46
CA ARG A 3 -5.53 6.30 22.07
C ARG A 3 -5.21 4.88 21.65
N ARG A 4 -6.21 4.10 21.20
CA ARG A 4 -6.03 2.69 20.89
C ARG A 4 -6.25 2.35 19.41
N VAL A 5 -5.31 1.58 18.82
CA VAL A 5 -5.36 1.19 17.42
C VAL A 5 -5.07 -0.32 17.27
N LEU A 6 -5.90 -1.01 16.44
CA LEU A 6 -5.70 -2.41 16.11
C LEU A 6 -5.22 -2.53 14.68
N VAL A 7 -4.05 -3.15 14.50
CA VAL A 7 -3.45 -3.34 13.18
C VAL A 7 -3.51 -4.83 12.81
N THR A 8 -4.31 -5.18 11.77
CA THR A 8 -4.44 -6.55 11.28
CA THR A 8 -4.40 -6.58 11.31
C THR A 8 -3.27 -6.80 10.30
N GLY A 9 -2.77 -8.03 10.27
CA GLY A 9 -1.65 -8.40 9.41
C GLY A 9 -0.38 -7.67 9.82
N ALA A 10 -0.24 -7.43 11.14
CA ALA A 10 0.85 -6.68 11.76
C ALA A 10 2.26 -7.35 11.61
N THR A 11 2.34 -8.57 11.05
CA THR A 11 3.64 -9.24 10.85
C THR A 11 4.16 -8.95 9.43
N GLY A 12 3.27 -8.55 8.52
CA GLY A 12 3.60 -8.23 7.13
C GLY A 12 4.38 -6.93 6.98
N LEU A 13 4.93 -6.68 5.78
CA LEU A 13 5.74 -5.48 5.45
C LEU A 13 5.02 -4.19 5.78
N LEU A 14 3.76 -4.04 5.33
CA LEU A 14 2.98 -2.85 5.59
C LEU A 14 2.49 -2.81 7.05
N GLY A 15 2.01 -3.96 7.55
CA GLY A 15 1.51 -4.10 8.91
C GLY A 15 2.50 -3.68 9.98
N ARG A 16 3.78 -4.10 9.83
CA ARG A 16 4.87 -3.77 10.76
C ARG A 16 5.11 -2.26 10.77
N ALA A 17 5.12 -1.62 9.59
CA ALA A 17 5.33 -0.17 9.47
C ALA A 17 4.19 0.61 10.10
N VAL A 18 2.94 0.17 9.90
CA VAL A 18 1.74 0.83 10.43
C VAL A 18 1.73 0.74 11.96
N HIS A 19 1.93 -0.48 12.49
CA HIS A 19 1.95 -0.75 13.92
C HIS A 19 2.99 0.14 14.61
N LYS A 20 4.22 0.21 14.05
CA LYS A 20 5.33 1.00 14.58
C LYS A 20 5.05 2.52 14.47
N GLU A 21 4.47 2.98 13.34
CA GLU A 21 4.16 4.41 13.16
C GLU A 21 3.19 4.90 14.27
N PHE A 22 2.12 4.16 14.57
CA PHE A 22 1.17 4.53 15.63
C PHE A 22 1.84 4.49 17.03
N GLN A 23 2.47 3.36 17.39
CA GLN A 23 3.19 3.11 18.65
C GLN A 23 4.22 4.20 18.98
N GLN A 24 4.98 4.67 17.98
CA GLN A 24 6.01 5.69 18.16
C GLN A 24 5.43 7.12 18.20
N ASN A 25 4.10 7.26 18.00
CA ASN A 25 3.44 8.55 18.01
C ASN A 25 2.28 8.59 19.02
N ASN A 26 2.56 8.16 20.27
CA ASN A 26 1.65 8.18 21.43
C ASN A 26 0.30 7.46 21.19
N TRP A 27 0.35 6.24 20.64
CA TRP A 27 -0.84 5.38 20.45
C TRP A 27 -0.58 4.02 21.09
N HIS A 28 -1.62 3.46 21.71
CA HIS A 28 -1.53 2.12 22.28
C HIS A 28 -1.88 1.19 21.13
N ALA A 29 -0.85 0.64 20.47
CA ALA A 29 -1.02 -0.20 19.28
C ALA A 29 -0.89 -1.67 19.59
N VAL A 30 -1.85 -2.45 19.08
CA VAL A 30 -1.92 -3.90 19.19
C VAL A 30 -1.98 -4.45 17.77
N GLY A 31 -1.18 -5.48 17.49
CA GLY A 31 -1.15 -6.10 16.19
C GLY A 31 -1.59 -7.55 16.18
N CYS A 32 -2.35 -7.93 15.13
CA CYS A 32 -2.82 -9.29 14.88
C CYS A 32 -2.07 -9.85 13.69
N GLY A 33 -1.59 -11.08 13.81
CA GLY A 33 -0.85 -11.78 12.75
C GLY A 33 -1.77 -12.54 11.82
N VAL A 52 -11.12 -12.46 15.12
CA VAL A 52 -10.53 -11.36 15.87
C VAL A 52 -11.61 -10.50 16.57
N HIS A 53 -12.83 -11.05 16.72
CA HIS A 53 -13.98 -10.38 17.36
C HIS A 53 -13.77 -10.21 18.89
N HIS A 54 -13.05 -11.16 19.54
CA HIS A 54 -12.77 -11.14 20.97
C HIS A 54 -11.80 -10.00 21.30
N ILE A 55 -10.71 -9.87 20.50
CA ILE A 55 -9.68 -8.82 20.62
C ILE A 55 -10.32 -7.43 20.45
N ILE A 56 -11.22 -7.27 19.46
CA ILE A 56 -11.94 -6.03 19.18
C ILE A 56 -12.82 -5.62 20.41
N HIS A 57 -13.53 -6.57 21.06
CA HIS A 57 -14.33 -6.19 22.22
C HIS A 57 -13.47 -5.83 23.44
N ASP A 58 -12.43 -6.62 23.74
CA ASP A 58 -11.59 -6.38 24.90
C ASP A 58 -10.78 -5.09 24.77
N PHE A 59 -10.16 -4.86 23.60
CA PHE A 59 -9.31 -3.70 23.40
C PHE A 59 -10.10 -2.43 23.14
N GLN A 60 -11.33 -2.56 22.59
CA GLN A 60 -12.19 -1.41 22.24
C GLN A 60 -11.36 -0.40 21.41
N PRO A 61 -10.76 -0.80 20.26
CA PRO A 61 -9.90 0.16 19.53
C PRO A 61 -10.66 1.33 18.93
N HIS A 62 -10.07 2.54 18.96
CA HIS A 62 -10.67 3.72 18.34
C HIS A 62 -10.55 3.62 16.84
N VAL A 63 -9.47 2.93 16.38
CA VAL A 63 -9.10 2.79 14.97
C VAL A 63 -8.67 1.35 14.66
N ILE A 64 -9.06 0.83 13.49
CA ILE A 64 -8.65 -0.49 12.99
C ILE A 64 -8.04 -0.29 11.60
N VAL A 65 -6.80 -0.76 11.39
CA VAL A 65 -6.13 -0.68 10.08
C VAL A 65 -6.08 -2.10 9.54
N HIS A 66 -6.86 -2.37 8.49
CA HIS A 66 -6.99 -3.71 7.93
C HIS A 66 -6.14 -3.92 6.68
N CYS A 67 -5.17 -4.83 6.84
CA CYS A 67 -4.24 -5.26 5.81
CA CYS A 67 -4.24 -5.26 5.81
C CYS A 67 -4.56 -6.71 5.45
N ALA A 68 -5.19 -6.93 4.27
CA ALA A 68 -5.58 -8.26 3.80
C ALA A 68 -4.65 -8.74 2.68
N VAL A 88 -12.89 -11.17 1.65
CA VAL A 88 -13.97 -10.23 1.40
C VAL A 88 -15.10 -10.46 2.39
N ASP A 89 -15.45 -11.74 2.64
CA ASP A 89 -16.48 -12.13 3.62
C ASP A 89 -16.01 -11.79 5.03
N ALA A 90 -14.71 -12.00 5.30
CA ALA A 90 -14.05 -11.69 6.57
C ALA A 90 -13.93 -10.18 6.76
N SER A 91 -13.54 -9.45 5.69
CA SER A 91 -13.41 -7.98 5.66
C SER A 91 -14.76 -7.31 5.96
N GLY A 92 -15.81 -7.78 5.30
CA GLY A 92 -17.18 -7.34 5.53
C GLY A 92 -17.64 -7.62 6.94
N ASN A 93 -17.19 -8.76 7.53
CA ASN A 93 -17.50 -9.15 8.91
C ASN A 93 -16.72 -8.30 9.90
N LEU A 94 -15.48 -7.93 9.56
CA LEU A 94 -14.61 -7.07 10.37
C LEU A 94 -15.20 -5.66 10.43
N ALA A 95 -15.79 -5.20 9.29
CA ALA A 95 -16.46 -3.90 9.15
C ALA A 95 -17.65 -3.81 10.11
N LYS A 96 -18.37 -4.94 10.32
CA LYS A 96 -19.51 -5.05 11.23
C LYS A 96 -19.04 -4.97 12.69
N GLU A 97 -17.91 -5.67 13.00
CA GLU A 97 -17.29 -5.71 14.34
C GLU A 97 -16.81 -4.31 14.73
N ALA A 98 -16.22 -3.58 13.77
CA ALA A 98 -15.73 -2.21 13.93
C ALA A 98 -16.90 -1.26 14.24
N ALA A 99 -18.01 -1.38 13.47
CA ALA A 99 -19.24 -0.59 13.63
C ALA A 99 -19.82 -0.75 15.03
N ALA A 100 -19.81 -1.99 15.55
CA ALA A 100 -20.32 -2.40 16.86
C ALA A 100 -19.58 -1.77 18.05
N VAL A 101 -18.28 -1.42 17.89
CA VAL A 101 -17.48 -0.82 18.97
C VAL A 101 -17.24 0.67 18.70
N GLY A 102 -17.72 1.16 17.56
CA GLY A 102 -17.55 2.55 17.16
C GLY A 102 -16.14 2.86 16.76
N ALA A 103 -15.46 1.88 16.13
CA ALA A 103 -14.08 2.02 15.67
C ALA A 103 -14.01 2.58 14.26
N PHE A 104 -13.02 3.44 14.02
CA PHE A 104 -12.76 3.98 12.68
C PHE A 104 -11.96 2.91 11.93
N LEU A 105 -12.58 2.27 10.93
CA LEU A 105 -11.93 1.22 10.15
C LEU A 105 -11.30 1.80 8.88
N ILE A 106 -10.02 1.46 8.66
CA ILE A 106 -9.28 1.83 7.46
C ILE A 106 -9.01 0.54 6.69
N TYR A 107 -9.63 0.40 5.52
CA TYR A 107 -9.46 -0.77 4.67
C TYR A 107 -8.44 -0.42 3.59
N ILE A 108 -7.30 -1.15 3.56
CA ILE A 108 -6.23 -0.91 2.59
C ILE A 108 -6.57 -1.59 1.28
N SER A 109 -6.64 -0.80 0.19
CA SER A 109 -6.98 -1.31 -1.13
C SER A 109 -5.86 -1.00 -2.16
N SER A 110 -6.13 -1.23 -3.47
CA SER A 110 -5.11 -1.12 -4.50
C SER A 110 -5.52 -0.28 -5.72
N ASP A 111 -4.49 0.23 -6.45
CA ASP A 111 -4.65 0.97 -7.71
C ASP A 111 -5.13 -0.01 -8.80
N TYR A 112 -5.02 -1.33 -8.56
CA TYR A 112 -5.42 -2.39 -9.49
C TYR A 112 -6.96 -2.49 -9.65
N VAL A 113 -7.74 -1.59 -9.02
CA VAL A 113 -9.19 -1.51 -9.19
C VAL A 113 -9.50 -0.77 -10.50
N PHE A 114 -8.51 -0.04 -11.04
CA PHE A 114 -8.61 0.73 -12.27
C PHE A 114 -7.95 -0.01 -13.44
N ASP A 115 -8.46 0.25 -14.69
CA ASP A 115 -7.98 -0.41 -15.92
C ASP A 115 -6.67 0.22 -16.44
N GLY A 116 -6.26 1.34 -15.87
CA GLY A 116 -5.03 2.04 -16.17
C GLY A 116 -4.87 2.55 -17.59
N THR A 117 -6.00 2.89 -18.25
CA THR A 117 -6.02 3.39 -19.63
C THR A 117 -6.09 4.92 -19.64
N ASN A 118 -6.60 5.53 -18.56
CA ASN A 118 -6.72 6.99 -18.54
C ASN A 118 -6.24 7.60 -17.19
N PRO A 119 -4.90 7.54 -16.89
CA PRO A 119 -4.41 8.15 -15.63
C PRO A 119 -4.48 9.69 -15.64
N PRO A 120 -4.49 10.37 -14.48
CA PRO A 120 -4.47 9.83 -13.10
C PRO A 120 -5.90 9.49 -12.65
N TYR A 121 -6.02 8.71 -11.58
CA TYR A 121 -7.32 8.28 -11.09
C TYR A 121 -7.69 8.95 -9.80
N ARG A 122 -8.85 9.61 -9.81
CA ARG A 122 -9.45 10.28 -8.66
C ARG A 122 -10.31 9.27 -7.92
N GLU A 123 -10.69 9.57 -6.67
CA GLU A 123 -11.55 8.70 -5.85
C GLU A 123 -12.99 8.66 -6.40
N GLU A 124 -13.39 9.69 -7.15
CA GLU A 124 -14.71 9.79 -7.78
C GLU A 124 -14.75 9.00 -9.11
N ASP A 125 -13.59 8.53 -9.61
CA ASP A 125 -13.50 7.80 -10.88
C ASP A 125 -14.02 6.36 -10.75
N ILE A 126 -14.63 5.85 -11.84
CA ILE A 126 -15.25 4.54 -11.89
C ILE A 126 -14.17 3.45 -12.01
N PRO A 127 -14.13 2.46 -11.07
CA PRO A 127 -13.14 1.38 -11.19
C PRO A 127 -13.53 0.41 -12.31
N ALA A 128 -12.52 -0.26 -12.87
CA ALA A 128 -12.66 -1.25 -13.94
C ALA A 128 -11.53 -2.28 -13.80
N PRO A 129 -11.60 -3.20 -12.81
CA PRO A 129 -10.48 -4.14 -12.63
C PRO A 129 -10.37 -5.13 -13.78
N LEU A 130 -9.12 -5.34 -14.27
CA LEU A 130 -8.78 -6.22 -15.40
C LEU A 130 -8.44 -7.64 -14.96
N ASN A 131 -8.09 -7.83 -13.69
CA ASN A 131 -7.68 -9.12 -13.14
C ASN A 131 -8.44 -9.44 -11.86
N LEU A 132 -8.27 -10.69 -11.36
CA LEU A 132 -8.93 -11.19 -10.15
C LEU A 132 -8.45 -10.46 -8.89
N TYR A 133 -7.18 -10.02 -8.85
CA TYR A 133 -6.64 -9.27 -7.71
C TYR A 133 -7.42 -7.97 -7.51
N GLY A 134 -7.61 -7.22 -8.60
CA GLY A 134 -8.36 -5.96 -8.61
C GLY A 134 -9.82 -6.12 -8.27
N LYS A 135 -10.47 -7.20 -8.79
CA LYS A 135 -11.87 -7.51 -8.56
C LYS A 135 -12.11 -7.90 -7.10
N THR A 136 -11.18 -8.64 -6.47
CA THR A 136 -11.26 -9.05 -5.06
C THR A 136 -11.14 -7.79 -4.18
N LYS A 137 -10.18 -6.90 -4.47
CA LYS A 137 -9.98 -5.66 -3.71
C LYS A 137 -11.23 -4.75 -3.82
N LEU A 138 -11.81 -4.63 -5.04
CA LEU A 138 -13.02 -3.82 -5.27
C LEU A 138 -14.21 -4.43 -4.51
N ASP A 139 -14.36 -5.77 -4.54
CA ASP A 139 -15.43 -6.47 -3.81
C ASP A 139 -15.22 -6.29 -2.29
N GLY A 140 -13.95 -6.25 -1.85
CA GLY A 140 -13.56 -6.00 -0.47
C GLY A 140 -13.97 -4.61 0.01
N GLU A 141 -13.69 -3.58 -0.81
CA GLU A 141 -14.07 -2.18 -0.61
C GLU A 141 -15.59 -2.01 -0.42
N LYS A 142 -16.37 -2.63 -1.34
CA LYS A 142 -17.84 -2.58 -1.35
C LYS A 142 -18.38 -3.27 -0.13
N ALA A 143 -17.81 -4.44 0.25
CA ALA A 143 -18.19 -5.21 1.42
C ALA A 143 -18.00 -4.41 2.71
N VAL A 144 -16.90 -3.64 2.79
CA VAL A 144 -16.54 -2.81 3.94
C VAL A 144 -17.48 -1.56 4.02
N LEU A 145 -17.56 -0.78 2.91
CA LEU A 145 -18.37 0.46 2.84
C LEU A 145 -19.88 0.19 2.96
N GLU A 146 -20.35 -1.02 2.59
CA GLU A 146 -21.77 -1.39 2.72
C GLU A 146 -22.14 -1.77 4.15
N ASN A 147 -21.21 -2.39 4.92
CA ASN A 147 -21.42 -2.87 6.29
C ASN A 147 -20.96 -1.87 7.39
N ASN A 148 -20.25 -0.80 7.00
CA ASN A 148 -19.77 0.25 7.91
C ASN A 148 -19.85 1.59 7.17
N LEU A 149 -20.73 2.48 7.64
CA LEU A 149 -20.99 3.78 7.02
C LEU A 149 -19.89 4.81 7.33
N GLY A 150 -19.14 4.59 8.40
CA GLY A 150 -18.06 5.49 8.79
C GLY A 150 -16.67 5.01 8.42
N ALA A 151 -16.58 3.95 7.58
CA ALA A 151 -15.31 3.35 7.18
C ALA A 151 -14.59 4.14 6.12
N ALA A 152 -13.25 4.02 6.10
CA ALA A 152 -12.41 4.65 5.09
C ALA A 152 -11.69 3.59 4.28
N VAL A 153 -11.54 3.84 2.98
CA VAL A 153 -10.80 3.00 2.04
C VAL A 153 -9.59 3.81 1.61
N LEU A 154 -8.40 3.20 1.70
CA LEU A 154 -7.15 3.83 1.31
C LEU A 154 -6.52 2.97 0.23
N ARG A 155 -6.58 3.46 -1.03
CA ARG A 155 -5.98 2.75 -2.17
C ARG A 155 -4.54 3.20 -2.27
N ILE A 156 -3.63 2.23 -2.39
CA ILE A 156 -2.19 2.48 -2.46
C ILE A 156 -1.59 1.71 -3.66
N PRO A 157 -0.42 2.12 -4.20
CA PRO A 157 0.15 1.39 -5.33
C PRO A 157 1.16 0.34 -4.85
N ILE A 158 2.16 -0.02 -5.70
CA ILE A 158 3.20 -1.03 -5.41
C ILE A 158 4.06 -0.55 -4.23
N LEU A 159 4.27 -1.45 -3.26
CA LEU A 159 4.98 -1.15 -2.02
C LEU A 159 6.36 -1.75 -1.93
N TYR A 160 7.18 -1.11 -1.09
CA TYR A 160 8.53 -1.56 -0.70
C TYR A 160 8.81 -1.00 0.69
N GLY A 161 9.85 -1.51 1.32
CA GLY A 161 10.28 -1.08 2.64
C GLY A 161 11.38 -1.96 3.16
N GLU A 162 11.67 -1.85 4.47
CA GLU A 162 12.68 -2.62 5.18
C GLU A 162 12.19 -4.08 5.30
N VAL A 163 12.33 -4.83 4.20
CA VAL A 163 11.91 -6.22 4.08
C VAL A 163 12.80 -7.16 4.94
N GLU A 164 12.23 -8.30 5.39
CA GLU A 164 12.96 -9.35 6.12
C GLU A 164 13.49 -10.35 5.10
N LYS A 165 12.74 -10.51 3.98
CA LYS A 165 13.05 -11.36 2.81
C LYS A 165 12.87 -10.51 1.55
N LEU A 166 13.73 -10.68 0.53
CA LEU A 166 13.62 -9.91 -0.73
C LEU A 166 12.25 -10.11 -1.40
N GLU A 167 11.70 -11.34 -1.30
CA GLU A 167 10.40 -11.75 -1.86
C GLU A 167 9.19 -11.03 -1.21
N GLU A 168 9.38 -10.32 -0.07
CA GLU A 168 8.27 -9.60 0.60
C GLU A 168 7.71 -8.47 -0.27
N SER A 169 8.53 -7.91 -1.18
CA SER A 169 8.12 -6.81 -2.06
C SER A 169 8.49 -7.10 -3.51
N ALA A 170 7.57 -6.73 -4.45
CA ALA A 170 7.75 -6.92 -5.89
C ALA A 170 8.85 -5.98 -6.43
N VAL A 171 9.21 -4.94 -5.65
CA VAL A 171 10.30 -4.02 -5.98
C VAL A 171 11.63 -4.65 -5.51
N THR A 172 11.70 -5.06 -4.21
CA THR A 172 12.93 -5.60 -3.61
C THR A 172 13.33 -6.98 -4.17
N VAL A 173 12.37 -7.81 -4.65
CA VAL A 173 12.62 -9.16 -5.19
C VAL A 173 13.60 -9.13 -6.41
N PHE A 175 16.46 -7.30 -6.58
CA PHE A 175 17.82 -6.95 -6.15
C PHE A 175 18.92 -7.89 -6.67
N ASP A 176 18.76 -9.21 -6.55
CA ASP A 176 19.79 -10.16 -6.99
C ASP A 176 19.99 -10.14 -8.52
N LYS A 177 18.92 -9.86 -9.30
CA LYS A 177 19.00 -9.71 -10.75
C LYS A 177 19.77 -8.43 -11.11
N VAL A 178 19.72 -7.41 -10.22
CA VAL A 178 20.45 -6.16 -10.39
C VAL A 178 21.94 -6.36 -9.98
N GLN A 179 22.18 -6.88 -8.75
CA GLN A 179 23.48 -7.12 -8.10
C GLN A 179 24.47 -8.01 -8.85
N PHE A 180 23.97 -8.99 -9.61
CA PHE A 180 24.82 -9.95 -10.30
C PHE A 180 24.74 -9.73 -11.81
N SER A 181 25.87 -9.29 -12.40
CA SER A 181 26.04 -8.90 -13.81
C SER A 181 26.46 -10.05 -14.75
N ASN A 182 26.84 -11.20 -14.20
CA ASN A 182 27.30 -12.38 -14.96
C ASN A 182 26.24 -12.89 -15.97
N LYS A 183 24.95 -12.62 -15.71
CA LYS A 183 23.85 -13.05 -16.58
C LYS A 183 22.94 -11.86 -16.91
N SER A 184 22.54 -11.75 -18.19
CA SER A 184 21.64 -10.69 -18.66
C SER A 184 20.27 -10.85 -17.97
N ALA A 185 19.61 -9.73 -17.63
CA ALA A 185 18.33 -9.81 -16.95
C ALA A 185 17.29 -8.89 -17.58
N ASN A 186 16.21 -9.48 -18.11
CA ASN A 186 15.09 -8.77 -18.73
C ASN A 186 14.24 -8.09 -17.67
N ASP A 188 10.85 -5.32 -17.03
CA ASP A 188 9.68 -4.69 -17.62
C ASP A 188 9.88 -3.18 -17.70
N HIS A 189 9.65 -2.64 -18.90
CA HIS A 189 9.75 -1.22 -19.18
C HIS A 189 8.46 -0.79 -19.90
N TRP A 190 7.35 -1.48 -19.62
CA TRP A 190 6.07 -1.18 -20.23
C TRP A 190 5.08 -0.63 -19.18
N GLN A 191 4.86 -1.36 -18.09
CA GLN A 191 3.92 -0.98 -17.03
C GLN A 191 4.48 0.14 -16.16
N GLN A 192 3.70 1.21 -16.05
CA GLN A 192 4.00 2.41 -15.28
C GLN A 192 3.55 2.20 -13.86
N ARG A 193 4.49 2.29 -12.92
CA ARG A 193 4.19 2.10 -11.49
C ARG A 193 4.64 3.34 -10.70
N PHE A 194 4.18 3.41 -9.45
CA PHE A 194 4.51 4.48 -8.50
C PHE A 194 5.00 3.82 -7.19
N PRO A 195 6.29 3.41 -7.11
CA PRO A 195 6.78 2.75 -5.88
C PRO A 195 6.63 3.65 -4.64
N THR A 196 5.99 3.10 -3.61
CA THR A 196 5.67 3.82 -2.39
C THR A 196 6.21 3.10 -1.18
N HIS A 197 6.93 3.83 -0.32
CA HIS A 197 7.46 3.31 0.92
C HIS A 197 6.30 3.06 1.89
N VAL A 198 6.27 1.86 2.53
CA VAL A 198 5.24 1.48 3.51
C VAL A 198 5.20 2.47 4.68
N LYS A 199 6.33 3.15 4.96
CA LYS A 199 6.42 4.17 6.01
C LYS A 199 5.62 5.40 5.64
N ASP A 200 5.49 5.69 4.32
CA ASP A 200 4.65 6.79 3.82
C ASP A 200 3.18 6.46 4.05
N VAL A 201 2.78 5.20 3.70
CA VAL A 201 1.41 4.65 3.88
C VAL A 201 1.07 4.63 5.38
N ALA A 202 2.04 4.22 6.24
CA ALA A 202 1.88 4.17 7.70
C ALA A 202 1.60 5.59 8.26
N THR A 203 2.40 6.61 7.85
CA THR A 203 2.24 8.02 8.26
C THR A 203 0.83 8.53 7.87
N VAL A 204 0.39 8.25 6.62
CA VAL A 204 -0.92 8.66 6.08
C VAL A 204 -2.04 8.01 6.92
N CYS A 205 -1.90 6.70 7.26
CA CYS A 205 -2.86 5.97 8.10
C CYS A 205 -3.03 6.66 9.45
N ARG A 206 -1.90 7.00 10.12
CA ARG A 206 -1.90 7.67 11.41
C ARG A 206 -2.55 9.06 11.32
N GLN A 207 -2.16 9.86 10.30
CA GLN A 207 -2.64 11.22 10.04
C GLN A 207 -4.14 11.26 9.76
N LEU A 208 -4.65 10.27 8.99
CA LEU A 208 -6.07 10.11 8.65
C LEU A 208 -6.85 9.75 9.91
N ALA A 209 -6.30 8.84 10.75
CA ALA A 209 -6.90 8.41 12.01
C ALA A 209 -6.99 9.55 13.01
N GLU A 210 -5.92 10.38 13.10
CA GLU A 210 -5.84 11.52 14.02
C GLU A 210 -6.79 12.66 13.62
N LYS A 211 -6.95 12.91 12.31
CA LYS A 211 -7.87 13.93 11.80
C LYS A 211 -9.31 13.51 12.07
N ARG A 212 -9.62 12.22 11.87
CA ARG A 212 -10.94 11.60 12.10
C ARG A 212 -11.39 11.77 13.56
N LEU A 214 -11.20 14.19 15.52
CA LEU A 214 -11.89 15.47 15.72
C LEU A 214 -12.72 15.86 14.48
N ASP A 215 -12.92 14.92 13.54
CA ASP A 215 -13.69 15.16 12.31
C ASP A 215 -14.43 13.89 11.83
N PRO A 216 -15.72 13.73 12.21
CA PRO A 216 -16.49 12.54 11.77
C PRO A 216 -16.84 12.50 10.28
N SER A 217 -16.60 13.59 9.53
CA SER A 217 -16.83 13.65 8.08
C SER A 217 -15.75 12.84 7.34
N ILE A 218 -14.59 12.59 7.99
CA ILE A 218 -13.48 11.82 7.40
C ILE A 218 -13.91 10.34 7.31
N LYS A 219 -14.36 9.95 6.12
CA LYS A 219 -14.82 8.60 5.74
C LYS A 219 -14.86 8.55 4.21
N GLY A 220 -15.11 7.39 3.63
CA GLY A 220 -15.19 7.21 2.19
C GLY A 220 -13.88 6.72 1.58
N THR A 221 -13.67 6.99 0.28
CA THR A 221 -12.50 6.51 -0.44
C THR A 221 -11.39 7.58 -0.46
N PHE A 222 -10.13 7.13 -0.31
CA PHE A 222 -8.93 7.96 -0.29
C PHE A 222 -7.81 7.28 -1.05
N HIS A 223 -6.97 8.09 -1.72
CA HIS A 223 -5.82 7.62 -2.46
C HIS A 223 -4.54 8.13 -1.87
N TRP A 224 -3.51 7.26 -1.81
CA TRP A 224 -2.20 7.70 -1.46
C TRP A 224 -1.17 6.95 -2.30
N SER A 225 -0.18 7.71 -2.81
CA SER A 225 0.86 7.22 -3.69
C SER A 225 2.10 8.10 -3.67
N GLY A 226 3.24 7.48 -4.02
CA GLY A 226 4.49 8.20 -4.25
C GLY A 226 4.32 8.99 -5.54
N ASN A 227 5.15 10.03 -5.77
CA ASN A 227 5.00 10.87 -6.96
C ASN A 227 6.03 10.56 -8.07
N GLU A 228 6.74 9.40 -7.98
CA GLU A 228 7.74 9.04 -9.00
C GLU A 228 7.24 7.91 -9.88
N GLN A 229 6.99 8.24 -11.14
CA GLN A 229 6.53 7.30 -12.16
C GLN A 229 7.72 6.46 -12.63
N THR A 231 8.98 2.33 -14.17
CA THR A 231 8.77 0.96 -14.62
C THR A 231 9.71 0.09 -13.77
N LYS A 232 9.61 -1.27 -13.83
CA LYS A 232 10.54 -2.17 -13.10
C LYS A 232 11.99 -1.94 -13.56
N TYR A 233 12.19 -1.61 -14.85
CA TYR A 233 13.50 -1.33 -15.44
C TYR A 233 14.09 -0.05 -14.84
N GLU A 234 13.26 1.01 -14.70
CA GLU A 234 13.68 2.30 -14.13
C GLU A 234 14.03 2.13 -12.65
N ALA A 236 15.13 -0.79 -11.31
CA ALA A 236 16.36 -1.58 -11.35
C ALA A 236 17.56 -0.66 -11.57
N CYS A 237 17.41 0.33 -12.50
CA CYS A 237 18.42 1.31 -12.83
C CYS A 237 18.73 2.19 -11.61
N ALA A 238 17.67 2.65 -10.90
CA ALA A 238 17.80 3.48 -9.67
C ALA A 238 18.51 2.69 -8.56
N ILE A 239 18.19 1.39 -8.42
CA ILE A 239 18.83 0.49 -7.45
C ILE A 239 20.32 0.35 -7.79
N ALA A 240 20.64 0.10 -9.07
CA ALA A 240 22.02 -0.03 -9.55
C ALA A 240 22.83 1.22 -9.21
N ASP A 241 22.28 2.40 -9.53
CA ASP A 241 22.91 3.69 -9.26
C ASP A 241 23.09 3.94 -7.75
N ALA A 242 22.07 3.63 -6.91
CA ALA A 242 22.14 3.81 -5.46
C ALA A 242 23.32 3.06 -4.84
N PHE A 243 23.59 1.83 -5.30
CA PHE A 243 24.67 1.02 -4.75
C PHE A 243 25.90 0.99 -5.66
N ASN A 244 25.98 1.91 -6.65
CA ASN A 244 27.11 2.05 -7.59
C ASN A 244 27.44 0.69 -8.26
N LEU A 245 26.40 0.01 -8.77
CA LEU A 245 26.47 -1.32 -9.39
C LEU A 245 26.40 -1.24 -10.94
N PRO A 246 27.09 -2.14 -11.68
CA PRO A 246 26.96 -2.10 -13.15
C PRO A 246 25.53 -2.46 -13.57
N SER A 247 24.99 -1.77 -14.59
CA SER A 247 23.60 -2.01 -15.00
C SER A 247 23.45 -2.34 -16.49
N SER A 248 24.56 -2.53 -17.22
CA SER A 248 24.56 -2.81 -18.66
C SER A 248 23.91 -4.16 -19.03
N HIS A 249 23.86 -5.10 -18.09
CA HIS A 249 23.24 -6.43 -18.25
C HIS A 249 21.70 -6.37 -18.18
N LEU A 250 21.12 -5.20 -17.83
CA LEU A 250 19.67 -5.04 -17.72
C LEU A 250 19.06 -4.74 -19.09
N ARG A 251 18.14 -5.61 -19.53
CA ARG A 251 17.45 -5.49 -20.81
C ARG A 251 16.02 -4.95 -20.61
N PRO A 252 15.73 -3.73 -21.13
CA PRO A 252 14.37 -3.19 -20.97
C PRO A 252 13.40 -3.79 -21.99
N ILE A 253 12.27 -4.33 -21.51
CA ILE A 253 11.23 -4.92 -22.36
C ILE A 253 10.12 -3.88 -22.45
N THR A 254 9.95 -3.29 -23.64
CA THR A 254 8.97 -2.21 -23.87
C THR A 254 7.65 -2.72 -24.44
N ASP A 255 7.59 -4.01 -24.79
CA ASP A 255 6.38 -4.59 -25.35
C ASP A 255 5.37 -4.94 -24.27
N SER A 256 4.06 -4.83 -24.60
CA SER A 256 2.92 -5.20 -23.75
C SER A 256 2.99 -6.69 -23.40
N PRO A 257 2.52 -7.11 -22.19
CA PRO A 257 2.61 -8.55 -21.82
C PRO A 257 1.82 -9.48 -22.72
N VAL A 258 2.31 -10.72 -22.85
CA VAL A 258 1.74 -11.76 -23.70
C VAL A 258 1.37 -13.02 -22.89
N LEU A 259 1.77 -13.06 -21.60
CA LEU A 259 1.43 -14.18 -20.71
C LEU A 259 0.92 -13.66 -19.37
N GLY A 260 0.02 -14.43 -18.75
CA GLY A 260 -0.58 -14.12 -17.45
C GLY A 260 -1.80 -13.23 -17.52
N ALA A 261 -2.25 -12.80 -16.33
CA ALA A 261 -3.42 -11.93 -16.15
C ALA A 261 -3.18 -10.54 -16.72
N GLN A 262 -4.25 -9.93 -17.27
CA GLN A 262 -4.26 -8.58 -17.81
C GLN A 262 -3.85 -7.59 -16.73
N ARG A 263 -2.96 -6.64 -17.06
CA ARG A 263 -2.41 -5.68 -16.10
C ARG A 263 -2.68 -4.22 -16.51
N PRO A 264 -3.01 -3.31 -15.55
CA PRO A 264 -3.24 -1.89 -15.93
C PRO A 264 -1.92 -1.21 -16.32
N ARG A 265 -1.88 -0.56 -17.49
CA ARG A 265 -0.68 0.11 -18.00
C ARG A 265 -0.22 1.26 -17.06
N ASN A 266 -1.13 2.19 -16.72
CA ASN A 266 -0.85 3.27 -15.78
C ASN A 266 -2.10 3.55 -14.94
N ALA A 267 -2.21 2.85 -13.82
CA ALA A 267 -3.30 3.02 -12.88
C ALA A 267 -2.93 4.08 -11.82
N GLN A 268 -2.19 5.13 -12.23
CA GLN A 268 -1.74 6.21 -11.34
C GLN A 268 -2.87 6.79 -10.49
N LEU A 269 -2.64 6.89 -9.18
CA LEU A 269 -3.63 7.46 -8.27
C LEU A 269 -3.34 8.92 -8.04
N ASP A 270 -4.37 9.77 -8.21
CA ASP A 270 -4.26 11.18 -7.88
C ASP A 270 -4.56 11.32 -6.39
N CYS A 271 -3.80 12.19 -5.66
CA CYS A 271 -3.94 12.33 -4.22
C CYS A 271 -4.35 13.73 -3.77
N SER A 272 -5.06 14.51 -4.63
CA SER A 272 -5.57 15.84 -4.31
C SER A 272 -6.40 15.83 -3.02
N LYS A 273 -7.26 14.80 -2.85
CA LYS A 273 -8.15 14.67 -1.69
C LYS A 273 -7.40 14.72 -0.37
N LEU A 274 -6.38 13.86 -0.19
CA LEU A 274 -5.58 13.83 1.04
C LEU A 274 -4.65 15.03 1.17
N GLU A 275 -4.04 15.47 0.03
CA GLU A 275 -3.15 16.63 -0.03
C GLU A 275 -3.87 17.90 0.44
N THR A 276 -5.15 18.10 0.05
CA THR A 276 -5.95 19.26 0.47
C THR A 276 -6.19 19.21 1.99
N LEU A 277 -6.27 18.00 2.57
CA LEU A 277 -6.49 17.79 4.00
C LEU A 277 -5.18 17.94 4.82
N GLY A 278 -4.07 18.21 4.14
CA GLY A 278 -2.76 18.38 4.77
C GLY A 278 -2.17 17.05 5.22
N ILE A 279 -2.61 15.97 4.57
CA ILE A 279 -2.18 14.60 4.87
C ILE A 279 -1.20 14.15 3.78
N GLY A 280 -0.13 13.50 4.20
CA GLY A 280 0.82 12.94 3.28
C GLY A 280 2.27 12.96 3.70
N GLN A 281 3.00 11.98 3.19
CA GLN A 281 4.43 11.80 3.31
C GLN A 281 4.89 11.06 2.07
N ARG A 282 6.02 11.50 1.46
CA ARG A 282 6.58 10.88 0.25
C ARG A 282 8.10 10.77 0.34
N THR A 283 8.59 9.52 0.29
CA THR A 283 10.02 9.21 0.33
C THR A 283 10.60 9.13 -1.10
N PRO A 284 11.69 9.89 -1.44
CA PRO A 284 12.31 9.73 -2.77
C PRO A 284 12.85 8.31 -2.92
N PHE A 285 12.46 7.62 -4.01
CA PHE A 285 12.80 6.21 -4.25
C PHE A 285 14.27 5.88 -4.06
N ARG A 286 15.20 6.71 -4.63
CA ARG A 286 16.64 6.49 -4.57
C ARG A 286 17.15 6.50 -3.12
N ILE A 287 16.43 7.18 -2.20
CA ILE A 287 16.79 7.18 -0.77
C ILE A 287 16.09 5.98 -0.09
N GLY A 288 14.76 5.87 -0.26
CA GLY A 288 13.96 4.79 0.31
C GLY A 288 14.43 3.39 -0.04
N ILE A 289 14.91 3.16 -1.28
CA ILE A 289 15.36 1.85 -1.70
C ILE A 289 16.76 1.55 -1.12
N LYS A 290 17.57 2.60 -0.82
CA LYS A 290 18.91 2.38 -0.26
C LYS A 290 18.78 1.90 1.19
N GLU A 291 17.94 2.60 1.97
CA GLU A 291 17.61 2.32 3.36
C GLU A 291 17.06 0.87 3.49
N SER A 292 16.18 0.47 2.53
CA SER A 292 15.50 -0.82 2.51
C SER A 292 16.35 -2.01 2.09
N LEU A 293 17.26 -1.81 1.10
CA LEU A 293 18.05 -2.89 0.52
C LEU A 293 19.46 -3.04 1.08
N TRP A 294 19.99 -2.04 1.81
CA TRP A 294 21.34 -2.06 2.41
C TRP A 294 21.73 -3.44 3.06
N PRO A 295 20.88 -4.10 3.91
CA PRO A 295 21.31 -5.39 4.52
C PRO A 295 21.47 -6.56 3.56
N PHE A 296 20.93 -6.46 2.34
CA PHE A 296 20.95 -7.52 1.34
C PHE A 296 22.05 -7.34 0.28
N LEU A 297 22.86 -6.26 0.38
CA LEU A 297 23.97 -6.00 -0.55
C LEU A 297 25.08 -6.99 -0.29
N ILE A 298 25.46 -7.76 -1.32
CA ILE A 298 26.53 -8.77 -1.28
C ILE A 298 27.79 -8.18 -1.94
#